data_2NM0
#
_entry.id   2NM0
#
_cell.length_a   113.759
_cell.length_b   113.759
_cell.length_c   73.937
_cell.angle_alpha   90.00
_cell.angle_beta   90.00
_cell.angle_gamma   120.00
#
_symmetry.space_group_name_H-M   'P 31 2 1'
#
loop_
_entity.id
_entity.type
_entity.pdbx_description
1 polymer 'Probable 3-oxacyl-(Acyl-carrier-protein) reductase'
2 water water
#
_entity_poly.entity_id   1
_entity_poly.type   'polypeptide(L)'
_entity_poly.pdbx_seq_one_letter_code
;MGSSHHHHHHSSGLVPRSHMSRSVLVTGGNRGIGLAIARAFADAGDKVAITYRSGEPPEGFLAVKCDITDTEQVEQAYKE
IEETHGPVEVLIANAGVTKDQLLMRMSEEDFTSVVETNLTGTFRVVKRANRAMLRAKKGRVVLISSVVGLLGSAGQANYA
ASKAGLVGFARSLARELGSRNITFNVVAPGFVDTDMTKVLTDEQRANIVSQVPLGRYARPEEIAATVRFLASDDASYITG
AVIPVDGGLGMGH
;
_entity_poly.pdbx_strand_id   A,B
#
# COMPACT_ATOMS: atom_id res chain seq x y z
N MET A 20 1.15 14.60 20.14
CA MET A 20 2.13 14.39 19.05
C MET A 20 2.73 12.97 19.14
N SER A 21 3.59 12.76 20.13
CA SER A 21 4.27 11.47 20.35
C SER A 21 3.27 10.39 20.75
N ARG A 22 3.27 9.27 20.01
CA ARG A 22 2.38 8.13 20.31
C ARG A 22 3.07 6.97 21.02
N SER A 23 2.28 6.19 21.78
CA SER A 23 2.72 4.94 22.35
C SER A 23 2.65 3.83 21.27
N VAL A 24 3.82 3.36 20.87
CA VAL A 24 3.99 2.35 19.85
C VAL A 24 4.56 1.11 20.45
N LEU A 25 4.06 -0.05 20.06
CA LEU A 25 4.68 -1.30 20.45
C LEU A 25 5.06 -2.09 19.22
N VAL A 26 6.31 -2.55 19.16
CA VAL A 26 6.73 -3.45 18.08
C VAL A 26 7.10 -4.78 18.70
N THR A 27 6.25 -5.81 18.52
CA THR A 27 6.59 -7.13 19.02
C THR A 27 7.60 -7.72 18.06
N GLY A 28 8.62 -8.36 18.63
CA GLY A 28 9.76 -8.86 17.87
C GLY A 28 10.60 -7.74 17.28
N GLY A 29 10.71 -6.63 18.03
CA GLY A 29 11.38 -5.43 17.52
C GLY A 29 12.85 -5.34 17.91
N ASN A 30 13.41 -6.45 18.38
CA ASN A 30 14.82 -6.45 18.85
C ASN A 30 15.87 -6.70 17.76
N ARG A 31 15.46 -7.22 16.62
CA ARG A 31 16.37 -7.51 15.51
C ARG A 31 15.73 -7.37 14.13
N GLY A 32 16.59 -7.25 13.11
CA GLY A 32 16.19 -7.33 11.72
C GLY A 32 15.18 -6.26 11.34
N ILE A 33 14.14 -6.67 10.60
CA ILE A 33 13.17 -5.72 10.12
C ILE A 33 12.40 -5.15 11.29
N GLY A 34 12.15 -5.98 12.32
CA GLY A 34 11.44 -5.49 13.53
C GLY A 34 12.19 -4.29 14.12
N LEU A 35 13.51 -4.40 14.21
CA LEU A 35 14.33 -3.31 14.76
C LEU A 35 14.36 -2.07 13.86
N ALA A 36 14.42 -2.29 12.56
CA ALA A 36 14.39 -1.17 11.63
C ALA A 36 13.05 -0.41 11.78
N ILE A 37 11.97 -1.17 12.00
CA ILE A 37 10.67 -0.51 12.18
C ILE A 37 10.66 0.27 13.49
N ALA A 38 11.13 -0.38 14.55
CA ALA A 38 11.15 0.27 15.88
C ALA A 38 11.96 1.56 15.88
N ARG A 39 13.14 1.50 15.28
CA ARG A 39 13.98 2.70 15.15
C ARG A 39 13.32 3.81 14.35
N ALA A 40 12.60 3.45 13.28
CA ALA A 40 11.97 4.46 12.45
C ALA A 40 10.91 5.19 13.26
N PHE A 41 10.09 4.44 14.04
CA PHE A 41 9.11 5.14 14.88
C PHE A 41 9.78 6.03 15.97
N ALA A 42 10.82 5.52 16.61
CA ALA A 42 11.53 6.28 17.67
C ALA A 42 12.21 7.53 17.09
N ASP A 43 12.83 7.37 15.92
CA ASP A 43 13.46 8.50 15.22
C ASP A 43 12.46 9.56 14.83
N ALA A 44 11.20 9.15 14.62
CA ALA A 44 10.11 10.09 14.29
C ALA A 44 9.48 10.74 15.55
N GLY A 45 9.96 10.34 16.73
CA GLY A 45 9.54 10.96 17.97
C GLY A 45 8.48 10.20 18.76
N ASP A 46 8.09 9.00 18.30
CA ASP A 46 7.12 8.20 19.05
C ASP A 46 7.79 7.53 20.24
N LYS A 47 6.98 7.14 21.21
CA LYS A 47 7.44 6.38 22.37
C LYS A 47 7.35 4.91 22.04
N VAL A 48 8.50 4.25 21.90
CA VAL A 48 8.52 2.89 21.35
C VAL A 48 8.93 1.88 22.36
N ALA A 49 8.08 0.87 22.54
CA ALA A 49 8.35 -0.29 23.32
C ALA A 49 8.51 -1.45 22.37
N ILE A 50 9.24 -2.46 22.83
CA ILE A 50 9.38 -3.71 22.06
C ILE A 50 9.28 -4.91 22.97
N THR A 51 8.94 -6.07 22.40
CA THR A 51 9.04 -7.33 23.12
C THR A 51 10.19 -8.13 22.51
N TYR A 52 10.84 -8.95 23.34
CA TYR A 52 11.90 -9.83 22.88
C TYR A 52 11.94 -11.07 23.79
N ARG A 53 12.51 -12.15 23.29
CA ARG A 53 12.61 -13.41 24.03
C ARG A 53 13.92 -13.56 24.76
N SER A 54 15.01 -13.25 24.09
CA SER A 54 16.34 -13.42 24.68
C SER A 54 17.36 -12.45 24.08
N GLY A 55 18.56 -12.43 24.68
CA GLY A 55 19.60 -11.53 24.21
C GLY A 55 19.54 -10.23 24.98
N GLU A 56 20.44 -9.32 24.65
CA GLU A 56 20.37 -7.99 25.19
C GLU A 56 19.65 -7.14 24.14
N PRO A 57 18.57 -6.48 24.53
CA PRO A 57 17.83 -5.71 23.55
C PRO A 57 18.61 -4.49 23.04
N PRO A 58 18.28 -3.98 21.84
CA PRO A 58 18.92 -2.77 21.31
C PRO A 58 18.58 -1.54 22.15
N GLU A 59 19.45 -0.53 22.09
CA GLU A 59 19.28 0.70 22.87
C GLU A 59 18.17 1.59 22.33
N GLY A 60 17.53 2.32 23.25
CA GLY A 60 16.57 3.34 22.87
C GLY A 60 15.12 2.97 23.13
N PHE A 61 14.86 1.74 23.54
CA PHE A 61 13.48 1.27 23.66
C PHE A 61 13.10 0.84 25.06
N LEU A 62 11.82 0.98 25.40
CA LEU A 62 11.27 0.24 26.54
C LEU A 62 11.15 -1.21 26.10
N ALA A 63 12.05 -2.07 26.60
CA ALA A 63 12.13 -3.45 26.12
C ALA A 63 11.65 -4.43 27.18
N VAL A 64 10.67 -5.24 26.80
CA VAL A 64 10.04 -6.14 27.74
C VAL A 64 10.34 -7.56 27.30
N LYS A 65 11.06 -8.30 28.13
CA LYS A 65 11.38 -9.68 27.83
C LYS A 65 10.14 -10.50 28.14
N CYS A 66 9.64 -11.21 27.13
CA CYS A 66 8.49 -12.07 27.35
C CYS A 66 8.24 -13.04 26.22
N ASP A 67 7.43 -14.06 26.55
CA ASP A 67 6.92 -15.01 25.57
C ASP A 67 5.52 -14.57 25.18
N ILE A 68 5.34 -14.03 23.99
CA ILE A 68 4.01 -13.54 23.60
C ILE A 68 2.94 -14.61 23.31
N THR A 69 3.34 -15.88 23.29
CA THR A 69 2.37 -17.00 23.22
C THR A 69 1.61 -17.23 24.54
N ASP A 70 2.07 -16.56 25.61
CA ASP A 70 1.57 -16.77 26.97
C ASP A 70 0.71 -15.57 27.36
N THR A 71 -0.60 -15.79 27.54
CA THR A 71 -1.57 -14.72 27.84
C THR A 71 -1.20 -13.85 29.06
N GLU A 72 -0.64 -14.50 30.07
CA GLU A 72 -0.34 -13.83 31.31
C GLU A 72 0.92 -12.98 31.15
N GLN A 73 1.90 -13.47 30.41
CA GLN A 73 3.10 -12.68 30.10
C GLN A 73 2.79 -11.46 29.23
N VAL A 74 1.89 -11.64 28.28
CA VAL A 74 1.39 -10.51 27.45
C VAL A 74 0.64 -9.51 28.28
N GLU A 75 -0.18 -10.00 29.21
CA GLU A 75 -0.88 -9.09 30.10
C GLU A 75 0.08 -8.18 30.89
N GLN A 76 1.10 -8.77 31.46
CA GLN A 76 2.10 -8.04 32.26
C GLN A 76 2.94 -7.09 31.41
N ALA A 77 3.33 -7.56 30.22
CA ALA A 77 4.03 -6.71 29.25
C ALA A 77 3.23 -5.45 29.02
N TYR A 78 1.96 -5.60 28.65
CA TYR A 78 1.10 -4.45 28.41
C TYR A 78 0.88 -3.57 29.62
N LYS A 79 0.76 -4.20 30.80
CA LYS A 79 0.69 -3.44 32.07
C LYS A 79 1.85 -2.49 32.19
N GLU A 80 3.05 -3.05 32.01
CA GLU A 80 4.31 -2.32 32.12
C GLU A 80 4.39 -1.22 31.09
N ILE A 81 4.06 -1.54 29.84
CA ILE A 81 4.04 -0.52 28.79
C ILE A 81 3.03 0.58 29.06
N GLU A 82 1.80 0.20 29.41
CA GLU A 82 0.76 1.22 29.65
C GLU A 82 1.11 2.15 30.82
N GLU A 83 1.76 1.60 31.83
CA GLU A 83 2.20 2.42 32.99
C GLU A 83 3.32 3.40 32.62
N THR A 84 4.09 3.09 31.59
CA THR A 84 5.24 3.94 31.23
C THR A 84 4.94 4.89 30.06
N HIS A 85 4.31 4.37 29.01
CA HIS A 85 4.13 5.09 27.76
C HIS A 85 2.68 5.48 27.56
N GLY A 86 1.79 4.83 28.29
CA GLY A 86 0.35 5.02 28.10
C GLY A 86 -0.11 3.90 27.14
N PRO A 87 -1.43 3.74 27.00
CA PRO A 87 -1.93 2.60 26.22
C PRO A 87 -1.43 2.65 24.78
N VAL A 88 -1.17 1.49 24.22
CA VAL A 88 -0.63 1.34 22.86
C VAL A 88 -1.63 1.90 21.85
N GLU A 89 -1.16 2.85 21.04
CA GLU A 89 -1.95 3.45 19.96
C GLU A 89 -1.63 2.84 18.60
N VAL A 90 -0.41 2.35 18.48
CA VAL A 90 0.06 1.70 17.25
C VAL A 90 0.71 0.38 17.66
N LEU A 91 0.20 -0.75 17.14
CA LEU A 91 0.83 -2.05 17.38
C LEU A 91 1.40 -2.56 16.08
N ILE A 92 2.69 -2.89 16.08
CA ILE A 92 3.30 -3.51 14.93
C ILE A 92 3.69 -4.88 15.41
N ALA A 93 3.04 -5.88 14.84
CA ALA A 93 3.31 -7.24 15.23
C ALA A 93 4.19 -7.87 14.18
N ASN A 94 5.47 -7.98 14.49
CA ASN A 94 6.43 -8.57 13.56
C ASN A 94 6.37 -10.10 13.76
N ALA A 95 5.62 -10.75 12.88
CA ALA A 95 5.33 -12.18 13.04
C ALA A 95 6.34 -13.00 12.28
N GLY A 96 7.36 -12.34 11.75
CA GLY A 96 8.42 -12.99 10.97
C GLY A 96 9.25 -13.97 11.77
N VAL A 97 9.84 -14.94 11.08
CA VAL A 97 10.65 -15.97 11.74
C VAL A 97 11.92 -15.34 12.32
N THR A 98 12.11 -15.46 13.64
CA THR A 98 13.26 -14.82 14.31
C THR A 98 14.58 -15.57 14.11
N LYS A 99 15.65 -15.04 14.71
CA LYS A 99 16.99 -15.66 14.71
C LYS A 99 16.97 -17.09 15.30
N ASP A 100 16.66 -17.17 16.60
CA ASP A 100 16.66 -18.42 17.37
C ASP A 100 15.96 -19.54 16.60
N GLN A 101 14.81 -19.20 16.02
CA GLN A 101 13.98 -20.12 15.24
C GLN A 101 14.67 -20.57 13.94
N LEU A 102 15.21 -19.61 13.18
CA LEU A 102 15.91 -19.86 11.91
C LEU A 102 17.43 -19.67 12.06
N MET A 106 16.58 -27.56 12.28
CA MET A 106 15.25 -28.13 11.97
C MET A 106 14.96 -28.26 10.49
N SER A 107 14.25 -29.32 10.15
CA SER A 107 13.72 -29.53 8.80
C SER A 107 12.52 -28.60 8.60
N GLU A 108 12.23 -28.29 7.34
CA GLU A 108 11.06 -27.47 6.96
C GLU A 108 9.75 -28.05 7.52
N GLU A 109 9.64 -29.38 7.50
CA GLU A 109 8.43 -30.09 7.99
C GLU A 109 8.17 -29.87 9.48
N ASP A 110 9.23 -29.91 10.30
CA ASP A 110 9.09 -29.70 11.74
C ASP A 110 8.98 -28.20 12.06
N PHE A 111 9.44 -27.38 11.12
CA PHE A 111 9.40 -25.94 11.29
C PHE A 111 7.98 -25.34 11.29
N THR A 112 6.97 -26.06 10.83
CA THR A 112 5.61 -25.46 10.81
C THR A 112 5.11 -25.17 12.22
N SER A 113 5.62 -25.92 13.21
CA SER A 113 5.33 -25.68 14.63
C SER A 113 5.81 -24.28 15.06
N VAL A 114 6.93 -23.85 14.51
CA VAL A 114 7.42 -22.49 14.75
C VAL A 114 6.47 -21.48 14.11
N VAL A 115 6.05 -21.78 12.88
CA VAL A 115 5.07 -20.95 12.16
C VAL A 115 3.75 -20.79 12.95
N GLU A 116 3.25 -21.88 13.54
CA GLU A 116 2.06 -21.80 14.41
C GLU A 116 2.26 -20.96 15.69
N THR A 117 3.46 -20.99 16.27
CA THR A 117 3.71 -20.24 17.51
C THR A 117 3.71 -18.73 17.23
N ASN A 118 4.23 -18.37 16.04
CA ASN A 118 4.16 -17.00 15.56
C ASN A 118 2.75 -16.47 15.34
N LEU A 119 1.85 -17.27 14.76
CA LEU A 119 0.45 -16.85 14.69
C LEU A 119 -0.21 -16.66 16.06
N THR A 120 -0.04 -17.64 16.94
CA THR A 120 -0.64 -17.58 18.28
C THR A 120 -0.24 -16.31 19.05
N GLY A 121 1.06 -16.00 19.07
CA GLY A 121 1.59 -14.78 19.70
C GLY A 121 0.95 -13.53 19.12
N THR A 122 0.86 -13.48 17.80
CA THR A 122 0.16 -12.37 17.10
C THR A 122 -1.28 -12.20 17.57
N PHE A 123 -2.06 -13.30 17.64
CA PHE A 123 -3.44 -13.22 18.10
C PHE A 123 -3.50 -12.57 19.46
N ARG A 124 -2.62 -13.00 20.36
CA ARG A 124 -2.70 -12.54 21.75
C ARG A 124 -2.33 -11.09 21.90
N VAL A 125 -1.24 -10.65 21.25
CA VAL A 125 -0.84 -9.25 21.40
C VAL A 125 -1.84 -8.32 20.75
N VAL A 126 -2.44 -8.76 19.65
CA VAL A 126 -3.43 -7.90 18.99
C VAL A 126 -4.68 -7.81 19.84
N LYS A 127 -5.15 -8.94 20.35
CA LYS A 127 -6.39 -8.89 21.15
C LYS A 127 -6.23 -7.98 22.36
N ARG A 128 -5.08 -8.09 23.03
CA ARG A 128 -4.76 -7.19 24.14
C ARG A 128 -4.70 -5.71 23.73
N ALA A 129 -4.09 -5.39 22.58
CA ALA A 129 -4.05 -3.98 22.14
C ALA A 129 -5.42 -3.45 21.77
N ASN A 130 -6.28 -4.30 21.16
CA ASN A 130 -7.64 -3.84 20.74
C ASN A 130 -8.49 -3.25 21.88
N ARG A 131 -8.38 -3.82 23.06
CA ARG A 131 -9.12 -3.35 24.24
C ARG A 131 -8.93 -1.84 24.46
N ALA A 132 -7.69 -1.36 24.46
CA ALA A 132 -7.50 0.10 24.66
C ALA A 132 -7.80 0.92 23.43
N MET A 133 -7.53 0.37 22.25
CA MET A 133 -7.83 1.12 21.03
C MET A 133 -9.35 1.32 20.90
N LEU A 134 -10.10 0.29 21.26
CA LEU A 134 -11.58 0.38 21.23
C LEU A 134 -12.07 1.53 22.11
N ARG A 135 -11.46 1.68 23.28
CA ARG A 135 -11.84 2.74 24.20
C ARG A 135 -11.45 4.11 23.67
N ALA A 136 -10.36 4.17 22.89
CA ALA A 136 -9.88 5.45 22.38
C ALA A 136 -10.61 5.84 21.10
N LYS A 137 -11.35 4.89 20.55
CA LYS A 137 -11.96 5.02 19.22
C LYS A 137 -10.92 5.41 18.14
N LYS A 138 -9.72 4.84 18.28
CA LYS A 138 -8.65 5.05 17.28
C LYS A 138 -7.53 4.03 17.49
N GLY A 139 -6.98 3.53 16.40
CA GLY A 139 -5.85 2.60 16.55
C GLY A 139 -5.24 2.23 15.21
N ARG A 140 -4.04 1.68 15.27
CA ARG A 140 -3.39 1.19 14.04
C ARG A 140 -2.77 -0.12 14.39
N VAL A 141 -3.11 -1.16 13.65
CA VAL A 141 -2.52 -2.46 13.84
C VAL A 141 -1.88 -2.84 12.48
N VAL A 142 -0.58 -3.10 12.50
CA VAL A 142 0.11 -3.55 11.27
C VAL A 142 0.83 -4.86 11.52
N LEU A 143 0.50 -5.89 10.76
CA LEU A 143 1.11 -7.19 10.93
C LEU A 143 2.18 -7.40 9.85
N ILE A 144 3.34 -7.92 10.23
CA ILE A 144 4.47 -8.04 9.27
C ILE A 144 4.74 -9.53 9.07
N SER A 145 4.58 -9.99 7.84
CA SER A 145 4.94 -11.36 7.50
C SER A 145 6.47 -11.57 7.39
N SER A 146 6.91 -12.83 7.35
CA SER A 146 8.34 -13.17 7.25
C SER A 146 9.06 -12.63 6.01
N VAL A 147 10.30 -12.19 6.19
CA VAL A 147 11.17 -11.93 5.04
C VAL A 147 11.31 -13.21 4.21
N VAL A 148 11.37 -13.06 2.90
CA VAL A 148 11.48 -14.19 1.99
C VAL A 148 12.91 -14.71 1.96
N GLY A 149 13.04 -16.03 1.91
CA GLY A 149 14.34 -16.68 1.71
C GLY A 149 14.12 -17.80 0.72
N LEU A 150 15.19 -18.53 0.40
CA LEU A 150 15.11 -19.62 -0.55
C LEU A 150 14.64 -20.83 0.23
N LEU A 151 13.59 -21.47 -0.24
CA LEU A 151 12.91 -22.48 0.54
C LEU A 151 12.46 -23.63 -0.33
N GLY A 152 12.45 -24.84 0.23
CA GLY A 152 11.90 -26.02 -0.47
C GLY A 152 10.37 -25.98 -0.42
N SER A 153 9.72 -27.04 -0.87
CA SER A 153 8.26 -27.05 -0.99
C SER A 153 7.55 -26.84 0.35
N ALA A 154 8.05 -27.52 1.38
CA ALA A 154 7.42 -27.43 2.71
C ALA A 154 7.67 -26.05 3.33
N GLY A 155 8.85 -25.49 3.05
CA GLY A 155 9.16 -24.10 3.47
C GLY A 155 8.25 -23.07 2.80
N GLN A 156 8.05 -23.20 1.51
CA GLN A 156 7.13 -22.31 0.78
C GLN A 156 5.68 -22.45 1.28
N ALA A 157 5.26 -23.68 1.62
CA ALA A 157 3.90 -23.87 2.21
C ALA A 157 3.78 -23.15 3.55
N ASN A 158 4.83 -23.25 4.37
CA ASN A 158 4.84 -22.64 5.70
C ASN A 158 4.78 -21.12 5.61
N TYR A 159 5.51 -20.58 4.63
CA TYR A 159 5.48 -19.16 4.30
C TYR A 159 4.06 -18.71 3.90
N ALA A 160 3.45 -19.43 2.96
CA ALA A 160 2.13 -19.08 2.47
C ALA A 160 1.09 -19.14 3.62
N ALA A 161 1.25 -20.10 4.50
CA ALA A 161 0.31 -20.30 5.62
C ALA A 161 0.44 -19.15 6.60
N SER A 162 1.69 -18.78 6.89
CA SER A 162 1.96 -17.71 7.84
C SER A 162 1.35 -16.40 7.35
N LYS A 163 1.60 -16.05 6.10
CA LYS A 163 1.06 -14.81 5.55
C LYS A 163 -0.46 -14.79 5.47
N ALA A 164 -1.06 -15.90 5.08
CA ALA A 164 -2.52 -15.93 4.87
C ALA A 164 -3.21 -15.84 6.22
N GLY A 165 -2.59 -16.45 7.23
CA GLY A 165 -3.04 -16.32 8.62
C GLY A 165 -3.14 -14.88 9.08
N LEU A 166 -2.07 -14.11 8.82
CA LEU A 166 -2.09 -12.67 9.13
C LEU A 166 -3.15 -11.92 8.36
N VAL A 167 -3.24 -12.20 7.08
CA VAL A 167 -4.17 -11.47 6.25
C VAL A 167 -5.59 -11.83 6.69
N GLY A 168 -5.85 -13.11 6.94
CA GLY A 168 -7.18 -13.60 7.38
C GLY A 168 -7.58 -12.97 8.71
N PHE A 169 -6.61 -12.83 9.61
CA PHE A 169 -6.85 -12.21 10.93
C PHE A 169 -7.17 -10.74 10.74
N ALA A 170 -6.36 -10.02 9.95
CA ALA A 170 -6.55 -8.58 9.78
C ALA A 170 -7.93 -8.28 9.19
N ARG A 171 -8.35 -9.07 8.18
CA ARG A 171 -9.62 -8.82 7.48
C ARG A 171 -10.79 -9.12 8.37
N SER A 172 -10.65 -10.14 9.21
CA SER A 172 -11.71 -10.49 10.15
C SER A 172 -11.91 -9.43 11.20
N LEU A 173 -10.79 -8.93 11.72
CA LEU A 173 -10.87 -7.86 12.71
C LEU A 173 -11.45 -6.57 12.14
N ALA A 174 -11.06 -6.21 10.92
CA ALA A 174 -11.64 -5.06 10.23
C ALA A 174 -13.18 -5.16 10.13
N ARG A 175 -13.68 -6.34 9.82
CA ARG A 175 -15.13 -6.58 9.73
C ARG A 175 -15.76 -6.57 11.10
N GLU A 176 -15.10 -7.26 12.05
CA GLU A 176 -15.59 -7.34 13.43
C GLU A 176 -15.63 -6.00 14.15
N LEU A 177 -14.60 -5.18 13.98
CA LEU A 177 -14.54 -3.92 14.68
C LEU A 177 -15.43 -2.86 14.04
N GLY A 178 -15.61 -2.95 12.72
CA GLY A 178 -16.47 -2.01 12.02
C GLY A 178 -15.97 -0.57 12.13
N SER A 179 -16.90 0.33 12.44
CA SER A 179 -16.64 1.75 12.30
C SER A 179 -16.09 2.34 13.58
N ARG A 180 -14.98 1.76 14.05
CA ARG A 180 -14.30 2.25 15.24
C ARG A 180 -12.93 2.90 14.99
N ASN A 181 -12.65 3.24 13.72
CA ASN A 181 -11.44 3.97 13.31
C ASN A 181 -10.14 3.25 13.71
N ILE A 182 -10.19 1.92 13.78
CA ILE A 182 -9.00 1.09 14.02
C ILE A 182 -8.79 0.33 12.72
N THR A 183 -7.61 0.48 12.14
CA THR A 183 -7.29 -0.21 10.89
C THR A 183 -6.35 -1.37 11.16
N PHE A 184 -6.44 -2.39 10.30
CA PHE A 184 -5.67 -3.63 10.43
C PHE A 184 -5.13 -3.92 9.04
N ASN A 185 -3.80 -3.91 8.91
CA ASN A 185 -3.18 -4.13 7.61
C ASN A 185 -1.98 -5.04 7.75
N VAL A 186 -1.54 -5.61 6.63
CA VAL A 186 -0.40 -6.51 6.58
C VAL A 186 0.62 -5.92 5.62
N VAL A 187 1.90 -5.94 6.05
CA VAL A 187 3.01 -5.61 5.14
C VAL A 187 3.75 -6.92 4.88
N ALA A 188 3.95 -7.26 3.61
CA ALA A 188 4.62 -8.50 3.22
C ALA A 188 5.96 -8.19 2.58
N PRO A 189 7.05 -8.25 3.36
CA PRO A 189 8.37 -7.97 2.72
C PRO A 189 8.78 -9.06 1.72
N GLY A 190 9.66 -8.72 0.78
CA GLY A 190 10.21 -9.76 -0.13
C GLY A 190 11.57 -10.14 0.41
N PHE A 191 12.60 -10.17 -0.46
CA PHE A 191 13.98 -10.31 0.00
C PHE A 191 14.50 -9.01 0.59
N VAL A 192 15.06 -9.08 1.78
CA VAL A 192 15.55 -7.91 2.48
C VAL A 192 17.05 -8.10 2.84
N ASP A 193 17.83 -7.07 2.60
CA ASP A 193 19.28 -7.09 2.84
C ASP A 193 19.56 -7.01 4.33
N THR A 194 20.04 -8.13 4.89
CA THR A 194 20.49 -8.19 6.29
C THR A 194 21.85 -8.87 6.36
N GLN A 204 26.18 -15.05 -5.96
CA GLN A 204 25.08 -15.65 -5.21
C GLN A 204 23.94 -14.65 -4.98
N ARG A 205 24.32 -13.42 -4.63
CA ARG A 205 23.36 -12.33 -4.47
C ARG A 205 22.64 -12.05 -5.79
N ALA A 206 23.38 -12.18 -6.90
CA ALA A 206 22.82 -12.04 -8.25
C ALA A 206 21.83 -13.16 -8.64
N ASN A 207 22.08 -14.35 -8.13
CA ASN A 207 21.21 -15.49 -8.40
C ASN A 207 19.89 -15.39 -7.62
N ILE A 208 19.99 -14.84 -6.41
CA ILE A 208 18.81 -14.60 -5.57
C ILE A 208 17.92 -13.48 -6.12
N VAL A 209 18.52 -12.40 -6.59
CA VAL A 209 17.76 -11.26 -7.09
C VAL A 209 17.22 -11.43 -8.51
N SER A 210 17.65 -12.49 -9.20
CA SER A 210 17.22 -12.76 -10.58
C SER A 210 15.72 -13.03 -10.69
N GLN A 211 15.07 -13.36 -9.58
CA GLN A 211 13.63 -13.53 -9.61
C GLN A 211 12.86 -12.25 -9.18
N VAL A 212 13.60 -11.22 -8.80
CA VAL A 212 13.04 -9.90 -8.40
C VAL A 212 13.08 -8.95 -9.59
N PRO A 213 11.90 -8.51 -10.10
CA PRO A 213 11.88 -7.54 -11.22
C PRO A 213 12.77 -6.32 -11.01
N LEU A 214 12.71 -5.68 -9.85
CA LEU A 214 13.58 -4.54 -9.56
C LEU A 214 15.09 -4.90 -9.45
N GLY A 215 15.40 -6.18 -9.32
CA GLY A 215 16.79 -6.71 -9.46
C GLY A 215 17.69 -6.39 -8.29
N ARG A 216 17.08 -6.27 -7.10
CA ARG A 216 17.82 -5.97 -5.89
C ARG A 216 17.04 -6.43 -4.65
N TYR A 217 17.76 -6.48 -3.53
CA TYR A 217 17.23 -6.68 -2.20
C TYR A 217 16.63 -5.38 -1.73
N ALA A 218 15.64 -5.47 -0.86
CA ALA A 218 15.09 -4.29 -0.16
C ALA A 218 16.09 -3.87 0.92
N ARG A 219 16.15 -2.58 1.22
CA ARG A 219 16.76 -2.14 2.46
C ARG A 219 15.68 -2.18 3.57
N PRO A 220 16.07 -2.59 4.79
CA PRO A 220 15.07 -2.66 5.86
C PRO A 220 14.30 -1.37 6.07
N GLU A 221 14.93 -0.22 5.83
CA GLU A 221 14.28 1.09 5.92
C GLU A 221 13.10 1.24 4.95
N GLU A 222 13.18 0.58 3.80
CA GLU A 222 12.07 0.56 2.84
C GLU A 222 10.83 -0.13 3.43
N ILE A 223 11.02 -1.23 4.16
CA ILE A 223 9.90 -1.87 4.84
C ILE A 223 9.35 -0.93 5.91
N ALA A 224 10.25 -0.37 6.74
CA ALA A 224 9.80 0.55 7.78
C ALA A 224 9.02 1.77 7.28
N ALA A 225 9.41 2.34 6.13
CA ALA A 225 8.69 3.47 5.56
C ALA A 225 7.22 3.15 5.22
N THR A 226 6.97 1.96 4.73
CA THR A 226 5.60 1.54 4.42
C THR A 226 4.78 1.35 5.70
N VAL A 227 5.43 0.73 6.70
CA VAL A 227 4.81 0.58 7.99
C VAL A 227 4.45 1.95 8.55
N ARG A 228 5.38 2.89 8.50
CA ARG A 228 5.10 4.23 8.99
C ARG A 228 3.93 4.89 8.25
N PHE A 229 3.86 4.67 6.93
CA PHE A 229 2.76 5.24 6.13
C PHE A 229 1.42 4.66 6.62
N LEU A 230 1.34 3.35 6.76
CA LEU A 230 0.09 2.71 7.19
C LEU A 230 -0.34 3.17 8.58
N ALA A 231 0.65 3.43 9.44
CA ALA A 231 0.36 3.92 10.82
C ALA A 231 -0.04 5.41 10.91
N SER A 232 0.07 6.14 9.81
CA SER A 232 -0.15 7.58 9.81
C SER A 232 -1.61 7.87 9.56
N ASP A 233 -2.02 9.10 9.88
CA ASP A 233 -3.38 9.59 9.55
C ASP A 233 -3.64 9.63 8.04
N ASP A 234 -2.59 9.67 7.21
CA ASP A 234 -2.80 9.62 5.75
C ASP A 234 -3.34 8.26 5.23
N ALA A 235 -3.24 7.21 6.03
CA ALA A 235 -3.72 5.88 5.62
C ALA A 235 -5.00 5.48 6.37
N SER A 236 -5.76 6.46 6.85
CA SER A 236 -6.92 6.18 7.72
C SER A 236 -8.04 5.41 7.04
N TYR A 237 -8.04 5.38 5.69
CA TYR A 237 -9.11 4.66 5.00
C TYR A 237 -8.61 3.34 4.40
N ILE A 238 -7.40 2.93 4.80
CA ILE A 238 -6.88 1.66 4.35
C ILE A 238 -7.00 0.68 5.49
N THR A 239 -7.78 -0.39 5.26
CA THR A 239 -7.88 -1.45 6.21
C THR A 239 -8.17 -2.76 5.52
N GLY A 240 -7.67 -3.85 6.12
CA GLY A 240 -7.81 -5.22 5.59
C GLY A 240 -6.93 -5.44 4.36
N ALA A 241 -5.91 -4.61 4.19
CA ALA A 241 -5.08 -4.62 2.97
C ALA A 241 -3.74 -5.32 3.23
N VAL A 242 -3.18 -5.93 2.17
CA VAL A 242 -1.83 -6.50 2.26
C VAL A 242 -0.99 -5.69 1.31
N ILE A 243 0.08 -5.06 1.81
CA ILE A 243 0.98 -4.26 1.00
C ILE A 243 2.29 -5.01 0.82
N PRO A 244 2.57 -5.48 -0.40
CA PRO A 244 3.80 -6.19 -0.65
C PRO A 244 4.93 -5.18 -0.92
N VAL A 245 6.05 -5.37 -0.24
CA VAL A 245 7.21 -4.51 -0.37
C VAL A 245 8.29 -5.52 -0.84
N ASP A 246 8.19 -5.91 -2.10
CA ASP A 246 8.95 -7.06 -2.55
C ASP A 246 9.57 -6.93 -3.93
N GLY A 247 9.61 -5.71 -4.44
CA GLY A 247 10.28 -5.46 -5.72
C GLY A 247 9.63 -6.15 -6.90
N GLY A 248 8.38 -6.56 -6.75
CA GLY A 248 7.67 -7.29 -7.79
C GLY A 248 7.75 -8.81 -7.69
N LEU A 249 8.42 -9.30 -6.65
CA LEU A 249 8.74 -10.75 -6.54
C LEU A 249 7.50 -11.64 -6.58
N GLY A 250 6.48 -11.28 -5.81
CA GLY A 250 5.32 -12.15 -5.64
C GLY A 250 4.07 -11.70 -6.38
N MET A 251 4.23 -10.81 -7.34
CA MET A 251 3.08 -10.17 -8.00
C MET A 251 2.37 -11.18 -8.93
N GLY A 252 3.14 -12.14 -9.43
CA GLY A 252 2.67 -13.17 -10.34
C GLY A 252 3.84 -14.08 -10.68
N MET B 20 14.69 19.10 -7.11
CA MET B 20 13.72 19.01 -5.96
C MET B 20 12.29 18.72 -6.46
N SER B 21 11.80 19.57 -7.34
CA SER B 21 10.47 19.41 -7.91
C SER B 21 10.54 18.57 -9.17
N ARG B 22 9.58 17.66 -9.31
CA ARG B 22 9.52 16.72 -10.41
C ARG B 22 8.46 17.16 -11.37
N SER B 23 8.61 16.73 -12.62
CA SER B 23 7.58 16.88 -13.59
C SER B 23 6.55 15.75 -13.44
N VAL B 24 5.34 16.15 -13.05
CA VAL B 24 4.22 15.23 -12.80
C VAL B 24 3.12 15.45 -13.83
N LEU B 25 2.56 14.35 -14.36
CA LEU B 25 1.39 14.40 -15.21
C LEU B 25 0.25 13.58 -14.65
N VAL B 26 -0.92 14.20 -14.52
CA VAL B 26 -2.13 13.50 -14.11
C VAL B 26 -3.10 13.52 -15.27
N THR B 27 -3.38 12.36 -15.86
CA THR B 27 -4.32 12.31 -16.97
C THR B 27 -5.69 12.07 -16.38
N GLY B 28 -6.68 12.87 -16.80
CA GLY B 28 -8.00 12.86 -16.20
C GLY B 28 -7.98 13.63 -14.87
N GLY B 29 -7.32 14.78 -14.86
CA GLY B 29 -7.01 15.49 -13.63
C GLY B 29 -7.73 16.81 -13.41
N ASN B 30 -8.86 17.01 -14.09
CA ASN B 30 -9.62 18.27 -14.02
C ASN B 30 -10.75 18.27 -12.99
N ARG B 31 -11.08 17.12 -12.45
CA ARG B 31 -12.14 17.04 -11.46
C ARG B 31 -11.93 15.85 -10.55
N GLY B 32 -12.66 15.84 -9.43
CA GLY B 32 -12.80 14.66 -8.57
C GLY B 32 -11.50 14.14 -7.99
N ILE B 33 -11.29 12.84 -8.08
CA ILE B 33 -10.06 12.25 -7.56
C ILE B 33 -8.81 12.73 -8.34
N GLY B 34 -8.92 12.83 -9.65
CA GLY B 34 -7.80 13.29 -10.48
C GLY B 34 -7.35 14.68 -10.06
N LEU B 35 -8.30 15.59 -9.80
CA LEU B 35 -7.95 16.95 -9.35
C LEU B 35 -7.31 16.94 -7.98
N ALA B 36 -7.85 16.11 -7.08
CA ALA B 36 -7.30 15.99 -5.74
C ALA B 36 -5.85 15.51 -5.79
N ILE B 37 -5.58 14.61 -6.73
CA ILE B 37 -4.22 14.07 -6.85
C ILE B 37 -3.30 15.15 -7.38
N ALA B 38 -3.72 15.84 -8.43
CA ALA B 38 -2.95 16.96 -8.95
C ALA B 38 -2.64 18.01 -7.86
N ARG B 39 -3.65 18.40 -7.05
CA ARG B 39 -3.42 19.32 -5.93
C ARG B 39 -2.40 18.83 -4.90
N ALA B 40 -2.49 17.55 -4.52
CA ALA B 40 -1.50 17.01 -3.58
C ALA B 40 -0.07 17.10 -4.10
N PHE B 41 0.14 16.81 -5.38
CA PHE B 41 1.51 16.98 -5.91
C PHE B 41 1.90 18.45 -6.02
N ALA B 42 0.95 19.29 -6.37
CA ALA B 42 1.21 20.75 -6.45
C ALA B 42 1.62 21.27 -5.07
N ASP B 43 0.85 20.91 -4.03
CA ASP B 43 1.15 21.30 -2.64
C ASP B 43 2.52 20.82 -2.20
N ALA B 44 2.92 19.65 -2.67
CA ALA B 44 4.22 19.09 -2.34
C ALA B 44 5.35 19.76 -3.12
N GLY B 45 5.02 20.72 -3.99
CA GLY B 45 6.05 21.47 -4.72
C GLY B 45 6.48 20.95 -6.09
N ASP B 46 5.74 19.97 -6.61
CA ASP B 46 6.00 19.47 -7.94
C ASP B 46 5.38 20.34 -9.02
N LYS B 47 5.95 20.23 -10.23
CA LYS B 47 5.44 20.85 -11.43
C LYS B 47 4.39 19.91 -12.02
N VAL B 48 3.12 20.30 -11.97
CA VAL B 48 2.00 19.41 -12.26
C VAL B 48 1.25 19.83 -13.52
N ALA B 49 1.18 18.91 -14.48
CA ALA B 49 0.35 19.08 -15.63
C ALA B 49 -0.79 18.11 -15.59
N ILE B 50 -1.88 18.47 -16.25
CA ILE B 50 -2.99 17.57 -16.36
C ILE B 50 -3.45 17.50 -17.79
N THR B 51 -4.04 16.36 -18.14
CA THR B 51 -4.85 16.30 -19.35
C THR B 51 -6.31 16.16 -18.92
N TYR B 52 -7.21 16.62 -19.78
CA TYR B 52 -8.64 16.45 -19.57
C TYR B 52 -9.34 16.41 -20.92
N ARG B 53 -10.45 15.69 -20.98
CA ARG B 53 -11.19 15.44 -22.22
C ARG B 53 -12.20 16.58 -22.49
N SER B 54 -12.97 16.91 -21.47
CA SER B 54 -14.01 17.93 -21.58
C SER B 54 -14.18 18.71 -20.28
N GLY B 55 -14.98 19.77 -20.34
CA GLY B 55 -15.19 20.64 -19.21
C GLY B 55 -14.25 21.81 -19.27
N GLU B 56 -13.97 22.38 -18.10
CA GLU B 56 -13.07 23.48 -17.97
C GLU B 56 -11.84 22.97 -17.24
N PRO B 57 -10.69 23.58 -17.51
CA PRO B 57 -9.49 23.19 -16.77
C PRO B 57 -9.52 23.82 -15.38
N PRO B 58 -8.87 23.17 -14.40
CA PRO B 58 -8.71 23.83 -13.11
C PRO B 58 -7.70 24.94 -13.21
N GLU B 59 -7.85 25.98 -12.40
CA GLU B 59 -6.90 27.09 -12.45
C GLU B 59 -5.67 26.70 -11.67
N GLY B 60 -4.52 27.27 -12.04
CA GLY B 60 -3.25 26.94 -11.36
C GLY B 60 -2.40 25.83 -11.97
N PHE B 61 -2.92 25.14 -12.98
CA PHE B 61 -2.20 23.98 -13.56
C PHE B 61 -1.99 24.13 -15.04
N LEU B 62 -0.83 23.72 -15.54
CA LEU B 62 -0.67 23.45 -16.96
C LEU B 62 -1.66 22.34 -17.35
N ALA B 63 -2.58 22.67 -18.24
CA ALA B 63 -3.66 21.75 -18.59
C ALA B 63 -3.82 21.60 -20.09
N VAL B 64 -3.89 20.36 -20.57
CA VAL B 64 -4.03 20.11 -22.02
C VAL B 64 -5.33 19.40 -22.26
N LYS B 65 -6.18 20.02 -23.09
CA LYS B 65 -7.40 19.37 -23.52
C LYS B 65 -7.11 18.43 -24.67
N CYS B 66 -7.46 17.15 -24.48
CA CYS B 66 -7.16 16.11 -25.49
C CYS B 66 -7.84 14.75 -25.24
N ASP B 67 -7.83 13.92 -26.28
CA ASP B 67 -8.43 12.61 -26.22
C ASP B 67 -7.25 11.64 -26.17
N ILE B 68 -7.01 11.11 -24.98
CA ILE B 68 -5.84 10.26 -24.80
C ILE B 68 -5.94 8.89 -25.47
N THR B 69 -7.06 8.60 -26.14
CA THR B 69 -7.12 7.39 -26.99
C THR B 69 -6.49 7.59 -28.37
N ASP B 70 -6.04 8.81 -28.67
CA ASP B 70 -5.52 9.13 -30.00
C ASP B 70 -4.02 9.33 -29.87
N THR B 71 -3.23 8.43 -30.45
CA THR B 71 -1.76 8.48 -30.29
C THR B 71 -1.17 9.86 -30.62
N GLU B 72 -1.62 10.48 -31.72
CA GLU B 72 -1.07 11.80 -32.11
C GLU B 72 -1.36 12.89 -31.05
N GLN B 73 -2.57 12.90 -30.52
CA GLN B 73 -2.94 13.89 -29.50
C GLN B 73 -2.13 13.67 -28.22
N VAL B 74 -1.87 12.41 -27.90
CA VAL B 74 -1.04 12.09 -26.74
C VAL B 74 0.39 12.61 -26.94
N GLU B 75 0.98 12.37 -28.11
CA GLU B 75 2.33 12.86 -28.35
C GLU B 75 2.39 14.41 -28.25
N GLN B 76 1.36 15.06 -28.75
CA GLN B 76 1.32 16.52 -28.73
C GLN B 76 1.13 17.07 -27.32
N ALA B 77 0.30 16.40 -26.52
CA ALA B 77 0.13 16.81 -25.14
C ALA B 77 1.45 16.69 -24.40
N TYR B 78 2.14 15.56 -24.53
CA TYR B 78 3.43 15.38 -23.87
C TYR B 78 4.47 16.41 -24.39
N LYS B 79 4.48 16.66 -25.69
CA LYS B 79 5.44 17.65 -26.26
C LYS B 79 5.24 18.98 -25.55
N GLU B 80 4.00 19.44 -25.54
CA GLU B 80 3.67 20.72 -24.90
C GLU B 80 4.06 20.76 -23.40
N ILE B 81 3.63 19.76 -22.66
CA ILE B 81 3.91 19.67 -21.23
C ILE B 81 5.39 19.65 -20.93
N GLU B 82 6.13 18.81 -21.64
CA GLU B 82 7.55 18.63 -21.29
C GLU B 82 8.45 19.82 -21.72
N GLU B 83 8.04 20.53 -22.76
CA GLU B 83 8.74 21.79 -23.15
C GLU B 83 8.77 22.71 -21.92
N THR B 84 7.64 22.77 -21.23
CA THR B 84 7.45 23.63 -20.08
C THR B 84 8.01 23.05 -18.78
N HIS B 85 7.69 21.76 -18.46
CA HIS B 85 8.11 21.17 -17.18
C HIS B 85 9.33 20.23 -17.24
N GLY B 86 9.76 19.82 -18.42
CA GLY B 86 10.81 18.79 -18.52
C GLY B 86 10.13 17.43 -18.61
N PRO B 87 10.90 16.37 -18.98
CA PRO B 87 10.32 15.05 -19.19
C PRO B 87 9.55 14.56 -17.95
N VAL B 88 8.40 13.94 -18.17
CA VAL B 88 7.53 13.45 -17.07
C VAL B 88 8.29 12.40 -16.27
N GLU B 89 8.36 12.61 -14.96
CA GLU B 89 9.04 11.73 -14.03
C GLU B 89 8.01 10.90 -13.24
N VAL B 90 6.81 11.44 -13.07
CA VAL B 90 5.70 10.73 -12.37
C VAL B 90 4.46 10.80 -13.24
N LEU B 91 3.89 9.65 -13.60
CA LEU B 91 2.66 9.66 -14.38
C LEU B 91 1.58 9.05 -13.52
N ILE B 92 0.48 9.79 -13.37
CA ILE B 92 -0.68 9.27 -12.70
C ILE B 92 -1.77 9.16 -13.75
N ALA B 93 -2.14 7.94 -14.10
CA ALA B 93 -3.17 7.73 -15.09
C ALA B 93 -4.46 7.40 -14.36
N ASN B 94 -5.31 8.42 -14.25
CA ASN B 94 -6.61 8.27 -13.62
C ASN B 94 -7.53 7.65 -14.65
N ALA B 95 -7.70 6.33 -14.58
CA ALA B 95 -8.44 5.60 -15.60
C ALA B 95 -9.90 5.46 -15.24
N GLY B 96 -10.30 5.94 -14.08
CA GLY B 96 -11.68 5.79 -13.62
C GLY B 96 -12.71 6.35 -14.59
N VAL B 97 -13.88 5.69 -14.61
CA VAL B 97 -15.06 6.17 -15.34
C VAL B 97 -15.32 7.64 -14.97
N THR B 98 -15.49 8.48 -15.99
CA THR B 98 -15.63 9.93 -15.79
C THR B 98 -17.08 10.34 -15.60
N LYS B 99 -17.30 11.52 -15.01
CA LYS B 99 -18.63 12.14 -14.91
C LYS B 99 -19.44 11.99 -16.22
N ASP B 100 -18.83 12.41 -17.33
CA ASP B 100 -19.49 12.45 -18.62
C ASP B 100 -19.80 11.07 -19.20
N GLN B 101 -18.94 10.09 -18.95
CA GLN B 101 -19.21 8.71 -19.36
C GLN B 101 -20.36 8.14 -18.54
N LEU B 102 -20.43 8.59 -17.28
CA LEU B 102 -21.41 8.13 -16.30
C LEU B 102 -22.73 8.87 -16.49
N MET B 106 -25.94 4.71 -20.64
CA MET B 106 -25.58 3.53 -21.42
C MET B 106 -25.99 2.25 -20.70
N SER B 107 -26.39 1.24 -21.48
CA SER B 107 -26.51 -0.12 -20.96
C SER B 107 -25.10 -0.65 -20.65
N GLU B 108 -25.03 -1.73 -19.87
CA GLU B 108 -23.73 -2.31 -19.53
C GLU B 108 -23.03 -2.95 -20.72
N GLU B 109 -23.83 -3.58 -21.60
CA GLU B 109 -23.34 -4.16 -22.84
C GLU B 109 -22.63 -3.12 -23.73
N ASP B 110 -23.22 -1.94 -23.85
CA ASP B 110 -22.57 -0.84 -24.56
C ASP B 110 -21.43 -0.26 -23.73
N PHE B 111 -21.58 -0.26 -22.41
CA PHE B 111 -20.55 0.29 -21.52
C PHE B 111 -19.19 -0.44 -21.57
N THR B 112 -19.19 -1.66 -22.10
CA THR B 112 -17.95 -2.39 -22.29
C THR B 112 -17.05 -1.65 -23.30
N SER B 113 -17.65 -0.87 -24.21
CA SER B 113 -16.87 -0.05 -25.16
C SER B 113 -16.14 1.09 -24.42
N VAL B 114 -16.79 1.66 -23.41
CA VAL B 114 -16.17 2.68 -22.55
C VAL B 114 -15.05 2.07 -21.70
N VAL B 115 -15.22 0.82 -21.28
CA VAL B 115 -14.18 0.09 -20.57
C VAL B 115 -12.96 -0.08 -21.48
N GLU B 116 -13.22 -0.48 -22.72
CA GLU B 116 -12.21 -0.63 -23.76
C GLU B 116 -11.43 0.68 -23.97
N THR B 117 -12.13 1.80 -24.04
CA THR B 117 -11.48 3.10 -24.35
C THR B 117 -10.69 3.63 -23.15
N ASN B 118 -11.22 3.38 -21.95
CA ASN B 118 -10.48 3.66 -20.73
C ASN B 118 -9.17 2.87 -20.65
N LEU B 119 -9.16 1.59 -21.04
CA LEU B 119 -7.89 0.87 -21.09
C LEU B 119 -6.99 1.39 -22.21
N THR B 120 -7.57 1.64 -23.39
CA THR B 120 -6.78 2.14 -24.51
C THR B 120 -6.03 3.41 -24.17
N GLY B 121 -6.72 4.36 -23.55
CA GLY B 121 -6.12 5.63 -23.17
C GLY B 121 -4.95 5.43 -22.19
N THR B 122 -5.16 4.55 -21.23
CA THR B 122 -4.12 4.21 -20.25
C THR B 122 -2.90 3.59 -20.95
N PHE B 123 -3.13 2.69 -21.91
CA PHE B 123 -2.01 2.06 -22.63
C PHE B 123 -1.20 3.16 -23.35
N ARG B 124 -1.89 4.07 -24.02
CA ARG B 124 -1.17 5.11 -24.80
C ARG B 124 -0.34 6.08 -23.95
N VAL B 125 -0.91 6.59 -22.85
CA VAL B 125 -0.13 7.52 -22.05
C VAL B 125 1.02 6.86 -21.32
N VAL B 126 0.85 5.62 -20.87
CA VAL B 126 1.95 4.94 -20.16
C VAL B 126 3.07 4.59 -21.14
N LYS B 127 2.74 4.03 -22.29
CA LYS B 127 3.78 3.67 -23.26
C LYS B 127 4.60 4.91 -23.63
N ARG B 128 3.93 6.04 -23.78
CA ARG B 128 4.63 7.30 -24.07
C ARG B 128 5.56 7.70 -22.94
N ALA B 129 5.08 7.72 -21.70
CA ALA B 129 5.91 8.04 -20.52
C ALA B 129 7.13 7.12 -20.36
N ASN B 130 6.97 5.83 -20.70
CA ASN B 130 8.06 4.85 -20.47
C ASN B 130 9.34 5.17 -21.25
N ARG B 131 9.20 5.84 -22.40
CA ARG B 131 10.37 6.24 -23.21
C ARG B 131 11.39 7.06 -22.42
N ALA B 132 10.94 8.15 -21.81
CA ALA B 132 11.84 9.01 -21.04
C ALA B 132 12.28 8.38 -19.74
N MET B 133 11.39 7.62 -19.11
CA MET B 133 11.69 6.99 -17.83
C MET B 133 12.80 5.96 -18.00
N LEU B 134 12.72 5.21 -19.09
CA LEU B 134 13.74 4.20 -19.39
C LEU B 134 15.12 4.87 -19.56
N ARG B 135 15.16 5.96 -20.34
CA ARG B 135 16.41 6.76 -20.49
C ARG B 135 16.92 7.32 -19.15
N ALA B 136 16.01 7.84 -18.32
CA ALA B 136 16.36 8.33 -16.97
C ALA B 136 16.72 7.24 -15.97
N LYS B 137 16.36 5.99 -16.24
CA LYS B 137 16.55 4.91 -15.28
C LYS B 137 15.84 5.25 -13.96
N LYS B 138 14.65 5.84 -14.08
CA LYS B 138 13.84 6.10 -12.90
C LYS B 138 12.48 6.53 -13.36
N GLY B 139 11.43 6.13 -12.64
CA GLY B 139 10.08 6.56 -12.98
C GLY B 139 9.08 6.06 -11.98
N ARG B 140 7.91 6.67 -11.99
CA ARG B 140 6.78 6.25 -11.15
C ARG B 140 5.56 6.33 -11.99
N VAL B 141 4.85 5.21 -12.10
CA VAL B 141 3.59 5.16 -12.84
C VAL B 141 2.55 4.60 -11.87
N VAL B 142 1.48 5.35 -11.68
CA VAL B 142 0.41 4.89 -10.78
C VAL B 142 -0.89 4.98 -11.57
N LEU B 143 -1.58 3.86 -11.60
CA LEU B 143 -2.84 3.77 -12.35
C LEU B 143 -3.99 3.77 -11.32
N ILE B 144 -5.02 4.54 -11.58
CA ILE B 144 -6.13 4.64 -10.62
C ILE B 144 -7.37 3.99 -11.24
N SER B 145 -7.91 2.98 -10.59
CA SER B 145 -9.15 2.34 -11.08
C SER B 145 -10.42 3.18 -10.76
N SER B 146 -11.56 2.78 -11.31
CA SER B 146 -12.81 3.53 -11.10
C SER B 146 -13.29 3.55 -9.65
N VAL B 147 -13.88 4.66 -9.22
CA VAL B 147 -14.63 4.71 -7.95
C VAL B 147 -15.73 3.66 -8.02
N VAL B 148 -16.02 2.98 -6.90
CA VAL B 148 -17.01 1.91 -6.85
C VAL B 148 -18.42 2.52 -6.85
N GLY B 149 -19.33 1.83 -7.51
CA GLY B 149 -20.74 2.19 -7.50
C GLY B 149 -21.58 0.98 -7.21
N LEU B 150 -22.89 1.18 -7.12
CA LEU B 150 -23.83 0.07 -7.00
C LEU B 150 -24.15 -0.39 -8.42
N LEU B 151 -23.83 -1.64 -8.72
CA LEU B 151 -23.90 -2.12 -10.10
C LEU B 151 -24.61 -3.48 -10.16
N GLY B 152 -25.29 -3.75 -11.27
CA GLY B 152 -25.82 -5.09 -11.54
C GLY B 152 -24.71 -6.01 -12.06
N SER B 153 -25.10 -7.19 -12.55
CA SER B 153 -24.13 -8.24 -12.92
C SER B 153 -23.14 -7.86 -14.02
N ALA B 154 -23.64 -7.34 -15.14
CA ALA B 154 -22.74 -6.95 -16.23
C ALA B 154 -21.93 -5.72 -15.80
N GLY B 155 -22.53 -4.81 -15.03
CA GLY B 155 -21.82 -3.68 -14.40
C GLY B 155 -20.59 -4.07 -13.57
N GLN B 156 -20.81 -5.06 -12.73
CA GLN B 156 -19.76 -5.59 -11.87
C GLN B 156 -18.70 -6.28 -12.71
N ALA B 157 -19.15 -6.97 -13.75
CA ALA B 157 -18.22 -7.59 -14.69
C ALA B 157 -17.34 -6.52 -15.36
N ASN B 158 -17.95 -5.45 -15.86
CA ASN B 158 -17.17 -4.41 -16.52
C ASN B 158 -16.18 -3.75 -15.55
N TYR B 159 -16.62 -3.53 -14.32
CA TYR B 159 -15.73 -2.99 -13.26
C TYR B 159 -14.53 -3.94 -13.04
N ALA B 160 -14.80 -5.23 -12.91
CA ALA B 160 -13.76 -6.25 -12.67
C ALA B 160 -12.78 -6.32 -13.83
N ALA B 161 -13.32 -6.28 -15.06
CA ALA B 161 -12.52 -6.22 -16.28
C ALA B 161 -11.61 -4.97 -16.30
N SER B 162 -12.16 -3.78 -16.03
CA SER B 162 -11.35 -2.55 -16.02
C SER B 162 -10.20 -2.57 -15.03
N LYS B 163 -10.49 -3.00 -13.81
CA LYS B 163 -9.48 -3.03 -12.78
C LYS B 163 -8.44 -4.08 -13.08
N ALA B 164 -8.86 -5.26 -13.51
CA ALA B 164 -7.88 -6.33 -13.84
C ALA B 164 -6.96 -5.98 -15.00
N GLY B 165 -7.48 -5.23 -15.98
CA GLY B 165 -6.70 -4.72 -17.11
C GLY B 165 -5.56 -3.84 -16.61
N LEU B 166 -5.88 -2.95 -15.67
CA LEU B 166 -4.86 -2.08 -15.09
C LEU B 166 -3.81 -2.88 -14.30
N VAL B 167 -4.28 -3.80 -13.47
CA VAL B 167 -3.35 -4.60 -12.66
C VAL B 167 -2.47 -5.48 -13.56
N GLY B 168 -3.07 -6.09 -14.59
CA GLY B 168 -2.31 -6.92 -15.55
C GLY B 168 -1.26 -6.10 -16.30
N PHE B 169 -1.63 -4.87 -16.67
CA PHE B 169 -0.73 -3.95 -17.38
C PHE B 169 0.48 -3.58 -16.52
N ALA B 170 0.21 -3.12 -15.28
CA ALA B 170 1.22 -2.75 -14.32
C ALA B 170 2.20 -3.91 -14.04
N ARG B 171 1.66 -5.12 -13.83
CA ARG B 171 2.54 -6.27 -13.55
C ARG B 171 3.40 -6.70 -14.74
N SER B 172 2.82 -6.69 -15.92
CA SER B 172 3.56 -6.98 -17.14
C SER B 172 4.69 -5.98 -17.36
N LEU B 173 4.38 -4.69 -17.21
CA LEU B 173 5.37 -3.61 -17.31
C LEU B 173 6.47 -3.76 -16.27
N ALA B 174 6.12 -4.07 -15.03
CA ALA B 174 7.13 -4.28 -14.00
C ALA B 174 8.11 -5.39 -14.41
N ARG B 175 7.57 -6.48 -14.99
CA ARG B 175 8.40 -7.62 -15.42
C ARG B 175 9.25 -7.24 -16.65
N GLU B 176 8.65 -6.50 -17.58
CA GLU B 176 9.34 -6.11 -18.81
C GLU B 176 10.44 -5.05 -18.56
N LEU B 177 10.14 -4.02 -17.79
CA LEU B 177 11.13 -2.98 -17.58
C LEU B 177 12.26 -3.48 -16.66
N GLY B 178 11.94 -4.45 -15.81
CA GLY B 178 12.94 -5.09 -14.95
C GLY B 178 13.65 -4.09 -14.05
N SER B 179 14.97 -4.16 -14.05
CA SER B 179 15.73 -3.47 -13.05
C SER B 179 16.16 -2.09 -13.54
N ARG B 180 15.17 -1.25 -13.87
CA ARG B 180 15.44 0.13 -14.29
C ARG B 180 14.82 1.17 -13.36
N ASN B 181 14.45 0.74 -12.15
CA ASN B 181 14.00 1.69 -11.14
C ASN B 181 12.73 2.45 -11.52
N ILE B 182 11.92 1.88 -12.40
CA ILE B 182 10.60 2.40 -12.69
C ILE B 182 9.57 1.44 -12.07
N THR B 183 8.67 2.01 -11.25
CA THR B 183 7.65 1.21 -10.58
C THR B 183 6.29 1.46 -11.22
N PHE B 184 5.42 0.43 -11.16
CA PHE B 184 4.10 0.51 -11.76
C PHE B 184 3.16 -0.09 -10.72
N ASN B 185 2.24 0.74 -10.24
CA ASN B 185 1.34 0.31 -9.21
C ASN B 185 -0.09 0.77 -9.54
N VAL B 186 -1.06 0.15 -8.86
CA VAL B 186 -2.49 0.50 -9.08
C VAL B 186 -3.05 0.90 -7.71
N VAL B 187 -3.76 2.01 -7.65
CA VAL B 187 -4.54 2.38 -6.46
C VAL B 187 -6.00 2.15 -6.84
N ALA B 188 -6.70 1.40 -6.00
CA ALA B 188 -8.07 1.00 -6.26
C ALA B 188 -8.99 1.67 -5.23
N PRO B 189 -9.59 2.82 -5.55
CA PRO B 189 -10.50 3.42 -4.58
C PRO B 189 -11.78 2.57 -4.39
N GLY B 190 -12.39 2.72 -3.22
CA GLY B 190 -13.71 2.17 -2.93
C GLY B 190 -14.74 3.24 -3.25
N PHE B 191 -15.66 3.47 -2.31
CA PHE B 191 -16.63 4.58 -2.42
C PHE B 191 -15.95 5.87 -2.02
N VAL B 192 -16.08 6.90 -2.85
CA VAL B 192 -15.43 8.19 -2.65
C VAL B 192 -16.47 9.30 -2.75
N ASP B 193 -16.38 10.27 -1.84
CA ASP B 193 -17.30 11.42 -1.80
C ASP B 193 -16.91 12.48 -2.85
N THR B 194 -17.67 12.58 -3.93
CA THR B 194 -17.39 13.62 -4.91
C THR B 194 -18.63 14.47 -5.21
N GLN B 204 -29.55 8.11 2.35
CA GLN B 204 -29.08 7.42 1.15
C GLN B 204 -27.57 7.11 1.22
N ARG B 205 -26.79 8.12 1.63
CA ARG B 205 -25.36 7.97 1.87
C ARG B 205 -25.08 6.85 2.87
N ALA B 206 -25.82 6.85 3.98
CA ALA B 206 -25.70 5.82 5.02
C ALA B 206 -26.03 4.40 4.54
N ASN B 207 -26.84 4.29 3.49
CA ASN B 207 -27.16 2.99 2.90
C ASN B 207 -26.04 2.44 2.01
N ILE B 208 -25.38 3.33 1.29
CA ILE B 208 -24.25 2.96 0.42
C ILE B 208 -23.04 2.49 1.24
N VAL B 209 -22.81 3.15 2.38
CA VAL B 209 -21.65 2.91 3.23
C VAL B 209 -21.89 1.89 4.36
N SER B 210 -23.04 1.22 4.30
CA SER B 210 -23.33 0.15 5.26
C SER B 210 -22.53 -1.11 4.91
N GLN B 211 -22.07 -1.20 3.66
CA GLN B 211 -21.17 -2.29 3.28
C GLN B 211 -19.65 -2.00 3.48
N VAL B 212 -19.32 -0.81 3.95
CA VAL B 212 -17.92 -0.42 4.16
C VAL B 212 -17.62 -0.61 5.63
N PRO B 213 -16.68 -1.52 5.98
CA PRO B 213 -16.39 -1.70 7.40
C PRO B 213 -16.05 -0.43 8.16
N LEU B 214 -15.28 0.50 7.59
CA LEU B 214 -15.02 1.75 8.31
C LEU B 214 -16.23 2.70 8.40
N GLY B 215 -17.32 2.40 7.69
CA GLY B 215 -18.60 3.12 7.87
C GLY B 215 -18.67 4.54 7.36
N ARG B 216 -17.91 4.85 6.31
CA ARG B 216 -17.94 6.17 5.73
C ARG B 216 -17.38 6.13 4.31
N TYR B 217 -17.58 7.23 3.58
CA TYR B 217 -16.96 7.47 2.27
C TYR B 217 -15.52 7.89 2.45
N ALA B 218 -14.67 7.63 1.44
CA ALA B 218 -13.33 8.25 1.37
C ALA B 218 -13.48 9.69 0.96
N ARG B 219 -12.63 10.54 1.51
CA ARG B 219 -12.42 11.86 0.94
C ARG B 219 -11.43 11.67 -0.22
N PRO B 220 -11.57 12.43 -1.30
CA PRO B 220 -10.62 12.32 -2.43
C PRO B 220 -9.17 12.52 -2.00
N GLU B 221 -8.94 13.38 -1.02
CA GLU B 221 -7.60 13.60 -0.50
C GLU B 221 -6.94 12.35 0.08
N GLU B 222 -7.77 11.40 0.54
CA GLU B 222 -7.28 10.15 1.10
C GLU B 222 -6.72 9.28 -0.03
N ILE B 223 -7.35 9.33 -1.19
CA ILE B 223 -6.86 8.59 -2.34
C ILE B 223 -5.55 9.23 -2.72
N ALA B 224 -5.54 10.56 -2.84
CA ALA B 224 -4.34 11.33 -3.21
C ALA B 224 -3.15 11.03 -2.30
N ALA B 225 -3.37 10.92 -0.99
CA ALA B 225 -2.26 10.64 -0.05
C ALA B 225 -1.54 9.32 -0.37
N THR B 226 -2.29 8.30 -0.74
CA THR B 226 -1.68 7.00 -1.11
C THR B 226 -0.90 7.09 -2.42
N VAL B 227 -1.46 7.84 -3.37
CA VAL B 227 -0.78 8.04 -4.67
C VAL B 227 0.55 8.77 -4.43
N ARG B 228 0.52 9.81 -3.59
CA ARG B 228 1.73 10.54 -3.26
C ARG B 228 2.76 9.66 -2.56
N PHE B 229 2.32 8.79 -1.65
CA PHE B 229 3.24 7.85 -1.03
C PHE B 229 3.89 6.91 -2.07
N LEU B 230 3.07 6.29 -2.92
CA LEU B 230 3.63 5.40 -3.98
C LEU B 230 4.62 6.10 -4.93
N ALA B 231 4.37 7.38 -5.22
CA ALA B 231 5.27 8.18 -6.04
C ALA B 231 6.56 8.66 -5.33
N SER B 232 6.64 8.45 -4.03
CA SER B 232 7.73 8.96 -3.23
C SER B 232 8.92 8.00 -3.27
N ASP B 233 10.10 8.49 -2.87
CA ASP B 233 11.28 7.61 -2.84
C ASP B 233 11.18 6.53 -1.77
N ASP B 234 10.32 6.74 -0.79
CA ASP B 234 10.02 5.75 0.25
C ASP B 234 9.31 4.49 -0.23
N ALA B 235 8.74 4.53 -1.43
CA ALA B 235 7.99 3.39 -2.01
C ALA B 235 8.76 2.78 -3.20
N SER B 236 10.09 2.99 -3.25
CA SER B 236 10.95 2.54 -4.33
C SER B 236 10.96 1.03 -4.53
N TYR B 237 10.62 0.25 -3.51
CA TYR B 237 10.61 -1.19 -3.66
C TYR B 237 9.21 -1.76 -3.85
N ILE B 238 8.21 -0.89 -4.04
CA ILE B 238 6.85 -1.39 -4.23
C ILE B 238 6.57 -1.34 -5.73
N THR B 239 6.33 -2.48 -6.36
CA THR B 239 5.94 -2.46 -7.76
C THR B 239 5.08 -3.66 -8.08
N GLY B 240 4.21 -3.48 -9.06
CA GLY B 240 3.23 -4.53 -9.42
C GLY B 240 2.15 -4.69 -8.38
N ALA B 241 2.03 -3.71 -7.50
CA ALA B 241 1.09 -3.81 -6.35
C ALA B 241 -0.23 -3.12 -6.64
N VAL B 242 -1.31 -3.65 -6.05
CA VAL B 242 -2.60 -2.97 -6.08
C VAL B 242 -2.94 -2.58 -4.65
N ILE B 243 -3.07 -1.29 -4.37
CA ILE B 243 -3.35 -0.83 -3.03
C ILE B 243 -4.80 -0.35 -2.98
N PRO B 244 -5.67 -1.10 -2.27
CA PRO B 244 -7.05 -0.66 -2.11
C PRO B 244 -7.18 0.41 -1.03
N VAL B 245 -7.85 1.51 -1.37
CA VAL B 245 -8.16 2.58 -0.44
C VAL B 245 -9.68 2.62 -0.34
N ASP B 246 -10.21 1.67 0.40
CA ASP B 246 -11.61 1.36 0.24
C ASP B 246 -12.33 1.12 1.58
N GLY B 247 -11.65 1.38 2.71
CA GLY B 247 -12.33 1.26 4.04
C GLY B 247 -12.68 -0.15 4.42
N GLY B 248 -12.08 -1.08 3.69
CA GLY B 248 -12.23 -2.52 3.91
C GLY B 248 -13.34 -3.11 3.03
N LEU B 249 -13.86 -2.32 2.10
CA LEU B 249 -15.03 -2.73 1.26
C LEU B 249 -14.79 -4.01 0.45
N GLY B 250 -13.68 -4.04 -0.29
CA GLY B 250 -13.49 -5.13 -1.25
C GLY B 250 -12.53 -6.19 -0.75
N MET B 251 -12.24 -6.17 0.54
CA MET B 251 -11.15 -7.00 1.08
C MET B 251 -11.48 -8.50 1.02
N GLY B 252 -12.72 -8.84 1.39
CA GLY B 252 -13.15 -10.23 1.49
C GLY B 252 -14.30 -10.48 0.56
#